data_6PWS
#
_entry.id   6PWS
#
_cell.length_a   38.553
_cell.length_b   45.915
_cell.length_c   69.273
_cell.angle_alpha   90.000
_cell.angle_beta   90.000
_cell.angle_gamma   90.000
#
_symmetry.space_group_name_H-M   'P 21 21 21'
#
loop_
_entity.id
_entity.type
_entity.pdbx_description
1 polymer 'Fc fragment of IgE receptor II'
2 non-polymer 'CALCIUM ION'
3 non-polymer 'methyl alpha-D-mannopyranoside'
4 water water
#
_entity_poly.entity_id   1
_entity_poly.type   'polypeptide(L)'
_entity_poly.pdbx_seq_one_letter_code
;ANGSVCNTCPEAWIYFQKKCYYFGEGAKKWIQARYACENLHGRLVSIHSPEEQDFLTKRANWRGSWIGLRDLDIEGEFIW
MDNQPLDYSNWQPGEPNDAGQGENCVMMLGSGKWNDAFCGSELHGWVCDRLATC
;
_entity_poly.pdbx_strand_id   A
#
loop_
_chem_comp.id
_chem_comp.type
_chem_comp.name
_chem_comp.formula
CA non-polymer 'CALCIUM ION' 'Ca 2'
MMA D-saccharide 'methyl alpha-D-mannopyranoside' 'C7 H14 O6'
#
# COMPACT_ATOMS: atom_id res chain seq x y z
N CYS A 6 -10.70 11.70 -17.55
CA CYS A 6 -9.28 11.38 -17.50
C CYS A 6 -9.05 10.06 -16.77
N ASN A 7 -8.94 8.98 -17.56
CA ASN A 7 -8.84 7.63 -17.04
C ASN A 7 -7.70 6.85 -17.70
N THR A 8 -6.67 7.55 -18.18
CA THR A 8 -5.54 6.92 -18.82
C THR A 8 -4.49 6.55 -17.78
N CYS A 9 -3.91 5.37 -17.94
CA CYS A 9 -2.86 4.85 -17.07
C CYS A 9 -1.70 4.38 -17.92
N PRO A 10 -0.50 4.33 -17.34
CA PRO A 10 0.63 3.75 -18.07
C PRO A 10 0.38 2.28 -18.38
N GLU A 11 1.08 1.79 -19.40
CA GLU A 11 1.01 0.37 -19.73
C GLU A 11 1.28 -0.46 -18.49
N ALA A 12 0.48 -1.50 -18.31
CA ALA A 12 0.56 -2.47 -17.22
C ALA A 12 -0.14 -2.01 -15.94
N TRP A 13 -0.58 -0.76 -15.85
CA TRP A 13 -1.32 -0.25 -14.71
C TRP A 13 -2.82 -0.40 -14.94
N ILE A 14 -3.58 -0.34 -13.85
CA ILE A 14 -5.02 -0.62 -13.83
C ILE A 14 -5.76 0.61 -13.33
N TYR A 15 -6.78 1.05 -14.07
CA TYR A 15 -7.53 2.24 -13.74
C TYR A 15 -8.67 1.97 -12.76
N PHE A 16 -8.81 2.84 -11.76
CA PHE A 16 -10.00 2.83 -10.89
C PHE A 16 -10.19 4.22 -10.31
N GLN A 17 -11.37 4.80 -10.52
CA GLN A 17 -11.78 6.05 -9.88
C GLN A 17 -10.67 7.09 -9.74
N LYS A 18 -10.23 7.61 -10.87
CA LYS A 18 -9.32 8.75 -10.98
C LYS A 18 -7.88 8.36 -10.73
N LYS A 19 -7.59 7.11 -10.41
CA LYS A 19 -6.24 6.67 -10.09
C LYS A 19 -5.87 5.46 -10.92
N CYS A 20 -4.57 5.18 -10.94
CA CYS A 20 -3.99 4.04 -11.61
C CYS A 20 -3.20 3.24 -10.57
N TYR A 21 -3.24 1.91 -10.70
CA TYR A 21 -2.68 1.02 -9.70
C TYR A 21 -1.76 0.00 -10.36
N TYR A 22 -0.66 -0.30 -9.68
CA TYR A 22 0.33 -1.26 -10.14
C TYR A 22 0.42 -2.38 -9.11
N PHE A 23 0.12 -3.60 -9.53
CA PHE A 23 0.16 -4.76 -8.64
C PHE A 23 1.51 -5.43 -8.81
N GLY A 24 2.49 -4.93 -8.05
CA GLY A 24 3.84 -5.44 -8.14
C GLY A 24 3.99 -6.80 -7.50
N GLU A 25 4.90 -7.58 -8.05
CA GLU A 25 5.17 -8.93 -7.59
C GLU A 25 6.67 -9.13 -7.54
N GLY A 26 7.12 -9.85 -6.52
CA GLY A 26 8.53 -10.14 -6.31
C GLY A 26 8.95 -9.67 -4.94
N ALA A 27 9.77 -10.46 -4.25
CA ALA A 27 10.08 -10.25 -2.85
C ALA A 27 10.79 -8.93 -2.63
N LYS A 28 10.23 -8.09 -1.74
CA LYS A 28 10.80 -6.80 -1.41
C LYS A 28 10.48 -6.44 0.04
N LYS A 29 11.46 -5.85 0.71
CA LYS A 29 11.23 -5.16 1.98
C LYS A 29 10.48 -3.88 1.70
N TRP A 30 9.91 -3.24 2.75
CA TRP A 30 9.06 -2.08 2.50
C TRP A 30 9.82 -0.96 1.76
N ILE A 31 11.05 -0.65 2.19
CA ILE A 31 11.78 0.44 1.55
CA ILE A 31 11.80 0.44 1.55
C ILE A 31 12.12 0.09 0.10
N GLN A 32 12.40 -1.20 -0.17
CA GLN A 32 12.65 -1.61 -1.55
C GLN A 32 11.40 -1.43 -2.39
N ALA A 33 10.22 -1.72 -1.82
CA ALA A 33 8.96 -1.51 -2.53
C ALA A 33 8.72 -0.02 -2.75
N ARG A 34 9.07 0.83 -1.78
CA ARG A 34 8.96 2.27 -1.99
C ARG A 34 9.67 2.67 -3.28
N TYR A 35 10.93 2.25 -3.39
CA TYR A 35 11.73 2.66 -4.54
C TYR A 35 11.32 1.93 -5.81
N ALA A 36 10.79 0.72 -5.70
CA ALA A 36 10.29 0.03 -6.89
C ALA A 36 9.12 0.79 -7.48
N CYS A 37 8.22 1.31 -6.63
CA CYS A 37 7.13 2.12 -7.13
C CYS A 37 7.63 3.42 -7.76
N GLU A 38 8.61 4.07 -7.12
CA GLU A 38 9.17 5.31 -7.67
C GLU A 38 9.86 5.07 -9.00
N ASN A 39 10.49 3.91 -9.17
CA ASN A 39 11.13 3.59 -10.45
C ASN A 39 10.12 3.52 -11.58
N LEU A 40 8.87 3.17 -11.25
CA LEU A 40 7.75 3.14 -12.17
C LEU A 40 6.96 4.44 -12.16
N HIS A 41 7.50 5.47 -11.51
CA HIS A 41 6.94 6.82 -11.44
CA HIS A 41 6.89 6.80 -11.53
C HIS A 41 5.58 6.86 -10.73
N GLY A 42 5.48 6.04 -9.69
CA GLY A 42 4.38 6.10 -8.74
C GLY A 42 4.89 6.07 -7.32
N ARG A 43 3.98 5.81 -6.38
CA ARG A 43 4.34 5.64 -4.98
C ARG A 43 3.54 4.46 -4.43
N LEU A 44 4.01 3.87 -3.34
CA LEU A 44 3.20 2.87 -2.66
C LEU A 44 1.82 3.45 -2.36
N VAL A 45 0.80 2.58 -2.51
CA VAL A 45 -0.59 3.02 -2.59
C VAL A 45 -1.08 3.67 -1.30
N SER A 46 -1.91 4.70 -1.47
CA SER A 46 -2.61 5.37 -0.39
C SER A 46 -4.11 5.16 -0.55
N ILE A 47 -4.81 4.91 0.56
CA ILE A 47 -6.18 4.38 0.52
C ILE A 47 -7.11 5.29 1.32
N HIS A 48 -8.19 5.77 0.68
CA HIS A 48 -8.99 6.84 1.27
C HIS A 48 -10.50 6.64 1.21
N SER A 49 -10.98 5.43 0.89
CA SER A 49 -12.41 5.19 0.88
C SER A 49 -12.66 3.69 0.90
N PRO A 50 -13.88 3.28 1.29
CA PRO A 50 -14.22 1.85 1.20
C PRO A 50 -14.26 1.35 -0.23
N GLU A 51 -14.62 2.19 -1.20
CA GLU A 51 -14.68 1.76 -2.59
C GLU A 51 -13.28 1.48 -3.11
N GLU A 52 -12.32 2.35 -2.78
CA GLU A 52 -10.93 2.11 -3.16
C GLU A 52 -10.39 0.86 -2.49
N GLN A 53 -10.67 0.71 -1.18
CA GLN A 53 -10.24 -0.52 -0.51
C GLN A 53 -10.84 -1.75 -1.16
N ASP A 54 -12.12 -1.71 -1.55
CA ASP A 54 -12.77 -2.87 -2.17
C ASP A 54 -12.04 -3.26 -3.45
N PHE A 55 -11.70 -2.26 -4.27
CA PHE A 55 -10.94 -2.52 -5.50
C PHE A 55 -9.67 -3.29 -5.19
N LEU A 56 -8.95 -2.87 -4.15
CA LEU A 56 -7.68 -3.48 -3.76
C LEU A 56 -7.89 -4.85 -3.13
N THR A 57 -8.84 -4.98 -2.20
CA THR A 57 -9.10 -6.25 -1.55
C THR A 57 -9.36 -7.35 -2.57
N LYS A 58 -10.19 -7.03 -3.56
CA LYS A 58 -10.58 -8.03 -4.56
CA LYS A 58 -10.57 -8.05 -4.53
C LYS A 58 -9.39 -8.54 -5.36
N ARG A 59 -8.34 -7.72 -5.50
CA ARG A 59 -7.20 -7.96 -6.37
C ARG A 59 -5.91 -8.25 -5.63
N ALA A 60 -5.96 -8.31 -4.30
CA ALA A 60 -4.76 -8.37 -3.47
C ALA A 60 -4.09 -9.73 -3.57
N ASN A 61 -2.77 -9.71 -3.39
CA ASN A 61 -1.96 -10.91 -3.33
C ASN A 61 -2.27 -11.68 -2.04
N TRP A 62 -2.61 -12.97 -2.17
CA TRP A 62 -3.04 -13.76 -1.02
C TRP A 62 -1.92 -14.03 -0.03
N ARG A 63 -0.66 -13.80 -0.40
CA ARG A 63 0.46 -13.93 0.52
C ARG A 63 0.81 -12.61 1.21
N GLY A 64 0.10 -11.52 0.92
CA GLY A 64 0.33 -10.24 1.57
C GLY A 64 1.08 -9.27 0.68
N SER A 65 0.88 -7.97 0.92
CA SER A 65 1.49 -6.96 0.05
C SER A 65 1.67 -5.63 0.77
N TRP A 66 2.75 -4.93 0.44
CA TRP A 66 3.01 -3.63 1.05
C TRP A 66 2.08 -2.55 0.50
N ILE A 67 1.70 -1.62 1.39
CA ILE A 67 1.01 -0.40 1.02
C ILE A 67 1.81 0.82 1.53
N GLY A 68 1.37 2.00 1.13
CA GLY A 68 2.10 3.24 1.38
C GLY A 68 1.75 3.92 2.70
N LEU A 69 1.89 3.18 3.80
CA LEU A 69 1.49 3.65 5.13
C LEU A 69 2.56 3.18 6.12
N ARG A 70 3.03 4.08 6.99
CA ARG A 70 4.12 3.76 7.90
C ARG A 70 4.07 4.70 9.10
N ASP A 71 4.64 4.25 10.23
CA ASP A 71 4.84 5.08 11.41
C ASP A 71 6.31 5.11 11.83
N LEU A 72 7.21 5.06 10.86
CA LEU A 72 8.65 5.11 11.14
C LEU A 72 9.08 6.37 11.90
N ASP A 73 8.57 7.54 11.53
CA ASP A 73 9.13 8.78 12.06
C ASP A 73 8.72 9.03 13.50
N ILE A 74 7.44 8.87 13.80
CA ILE A 74 6.94 8.96 15.17
C ILE A 74 6.06 7.74 15.38
N GLU A 75 6.44 6.90 16.34
CA GLU A 75 5.67 5.70 16.63
C GLU A 75 4.21 6.06 16.89
N GLY A 76 3.32 5.32 16.24
CA GLY A 76 1.90 5.54 16.37
C GLY A 76 1.32 6.64 15.50
N GLU A 77 2.15 7.40 14.80
CA GLU A 77 1.70 8.46 13.90
C GLU A 77 1.88 7.93 12.47
N PHE A 78 0.80 7.46 11.87
CA PHE A 78 0.87 6.92 10.53
C PHE A 78 0.78 8.04 9.49
N ILE A 79 1.53 7.87 8.41
CA ILE A 79 1.60 8.83 7.32
C ILE A 79 1.41 8.07 6.02
N TRP A 80 0.54 8.60 5.15
CA TRP A 80 0.36 8.06 3.81
C TRP A 80 1.41 8.60 2.85
N MET A 81 1.74 7.80 1.83
CA MET A 81 2.58 8.25 0.72
C MET A 81 2.02 9.50 0.04
N ASP A 82 0.70 9.64 -0.06
CA ASP A 82 0.10 10.81 -0.71
C ASP A 82 -0.06 11.99 0.24
N ASN A 83 0.35 11.85 1.50
CA ASN A 83 0.30 12.91 2.51
C ASN A 83 -1.11 13.38 2.83
N GLN A 84 -2.14 12.62 2.45
CA GLN A 84 -3.53 12.99 2.75
C GLN A 84 -3.94 12.46 4.11
N PRO A 85 -5.10 12.87 4.61
CA PRO A 85 -5.48 12.53 6.00
C PRO A 85 -5.73 11.04 6.23
N LEU A 86 -5.74 10.70 7.53
CA LEU A 86 -6.06 9.36 8.01
C LEU A 86 -7.59 9.24 8.11
N ASP A 87 -8.22 9.19 6.94
CA ASP A 87 -9.67 9.36 6.83
C ASP A 87 -10.42 8.06 6.55
N TYR A 88 -9.73 6.96 6.32
CA TYR A 88 -10.34 5.66 6.08
C TYR A 88 -9.39 4.60 6.60
N SER A 89 -9.88 3.61 7.35
CA SER A 89 -9.03 2.50 7.76
C SER A 89 -9.67 1.15 7.47
N ASN A 90 -8.81 0.14 7.36
CA ASN A 90 -9.22 -1.25 7.17
C ASN A 90 -8.36 -2.18 8.01
N TRP A 91 -8.06 -1.80 9.26
CA TRP A 91 -7.21 -2.61 10.11
C TRP A 91 -7.82 -3.98 10.40
N GLN A 92 -7.01 -5.02 10.29
CA GLN A 92 -7.35 -6.29 10.90
C GLN A 92 -7.63 -6.05 12.39
N PRO A 93 -8.65 -6.67 12.98
CA PRO A 93 -8.88 -6.49 14.42
C PRO A 93 -7.62 -6.70 15.25
N GLY A 94 -7.36 -5.74 16.14
CA GLY A 94 -6.20 -5.79 17.00
C GLY A 94 -4.96 -5.10 16.44
N GLU A 95 -4.98 -4.78 15.15
CA GLU A 95 -3.90 -4.07 14.50
C GLU A 95 -4.23 -2.58 14.43
N PRO A 96 -3.20 -1.73 14.32
CA PRO A 96 -1.78 -2.07 14.47
C PRO A 96 -1.46 -2.39 15.93
N ASN A 97 -0.49 -3.28 16.14
CA ASN A 97 -0.11 -3.70 17.49
C ASN A 97 1.36 -3.49 17.82
N ASP A 98 2.17 -3.01 16.89
CA ASP A 98 3.59 -2.75 17.10
C ASP A 98 4.27 -3.95 17.76
N ALA A 99 4.04 -5.12 17.18
CA ALA A 99 4.54 -6.39 17.73
C ALA A 99 6.04 -6.57 17.47
N GLY A 100 6.57 -7.73 17.87
CA GLY A 100 8.01 -7.89 17.87
C GLY A 100 8.62 -6.82 18.76
N GLN A 101 9.76 -6.29 18.34
CA GLN A 101 10.32 -5.10 18.98
C GLN A 101 10.00 -3.84 18.19
N GLY A 102 9.02 -3.90 17.28
CA GLY A 102 8.53 -2.74 16.56
C GLY A 102 8.11 -3.08 15.14
N GLU A 103 6.92 -2.66 14.76
CA GLU A 103 6.37 -2.88 13.42
C GLU A 103 5.94 -1.52 12.89
N ASN A 104 6.64 -1.03 11.85
CA ASN A 104 6.46 0.36 11.45
C ASN A 104 6.06 0.55 10.00
N CYS A 105 5.78 -0.54 9.29
CA CYS A 105 5.40 -0.49 7.87
C CYS A 105 4.14 -1.32 7.70
N VAL A 106 3.18 -0.82 6.91
CA VAL A 106 1.88 -1.47 6.82
C VAL A 106 1.74 -2.29 5.54
N MET A 107 1.15 -3.46 5.71
CA MET A 107 0.81 -4.32 4.59
CA MET A 107 0.83 -4.39 4.63
C MET A 107 -0.67 -4.70 4.65
N MET A 108 -1.17 -5.13 3.48
CA MET A 108 -2.43 -5.85 3.41
C MET A 108 -2.15 -7.34 3.59
N LEU A 109 -2.94 -7.98 4.46
CA LEU A 109 -3.03 -9.43 4.50
C LEU A 109 -3.66 -9.93 3.21
N GLY A 110 -3.74 -11.26 3.04
CA GLY A 110 -4.40 -11.82 1.87
C GLY A 110 -5.85 -11.43 1.72
N SER A 111 -6.51 -11.08 2.84
CA SER A 111 -7.90 -10.65 2.90
C SER A 111 -8.08 -9.17 2.61
N GLY A 112 -6.98 -8.42 2.40
CA GLY A 112 -7.05 -6.98 2.28
C GLY A 112 -7.00 -6.21 3.57
N LYS A 113 -7.20 -6.87 4.72
CA LYS A 113 -7.14 -6.19 6.01
C LYS A 113 -5.70 -5.78 6.30
N TRP A 114 -5.54 -4.64 6.97
CA TRP A 114 -4.22 -4.07 7.18
C TRP A 114 -3.57 -4.60 8.46
N ASN A 115 -2.25 -4.78 8.39
CA ASN A 115 -1.44 -5.20 9.52
C ASN A 115 -0.13 -4.41 9.49
N ASP A 116 0.28 -3.86 10.64
CA ASP A 116 1.65 -3.37 10.76
C ASP A 116 2.61 -4.55 10.86
N ALA A 117 3.71 -4.45 10.14
CA ALA A 117 4.68 -5.53 10.04
C ALA A 117 6.10 -5.00 10.20
N PHE A 118 7.02 -5.92 10.45
CA PHE A 118 8.44 -5.59 10.44
C PHE A 118 8.81 -5.04 9.07
N CYS A 119 9.43 -3.85 9.05
CA CYS A 119 9.75 -3.20 7.79
C CYS A 119 10.71 -4.01 6.93
N GLY A 120 11.49 -4.93 7.53
CA GLY A 120 12.39 -5.80 6.79
C GLY A 120 11.80 -7.10 6.27
N SER A 121 10.50 -7.31 6.44
CA SER A 121 9.85 -8.49 5.89
C SER A 121 9.88 -8.45 4.38
N GLU A 122 10.15 -9.60 3.76
CA GLU A 122 10.26 -9.69 2.30
C GLU A 122 8.96 -10.20 1.66
N LEU A 123 8.00 -9.30 1.52
CA LEU A 123 6.71 -9.68 0.97
C LEU A 123 6.78 -9.84 -0.54
N HIS A 124 5.89 -10.70 -1.05
CA HIS A 124 5.88 -11.05 -2.48
C HIS A 124 5.03 -10.11 -3.30
N GLY A 125 4.27 -9.23 -2.66
CA GLY A 125 3.46 -8.27 -3.37
C GLY A 125 3.65 -6.88 -2.80
N TRP A 126 3.30 -5.90 -3.63
CA TRP A 126 3.39 -4.49 -3.25
C TRP A 126 2.52 -3.76 -4.25
N VAL A 127 1.84 -2.70 -3.82
CA VAL A 127 0.89 -2.00 -4.69
C VAL A 127 1.29 -0.53 -4.76
N CYS A 128 1.38 -0.01 -5.99
CA CYS A 128 1.66 1.40 -6.23
C CYS A 128 0.42 2.10 -6.77
N ASP A 129 0.40 3.42 -6.63
CA ASP A 129 -0.62 4.22 -7.30
C ASP A 129 0.00 5.47 -7.94
N ARG A 130 -0.83 6.06 -8.79
CA ARG A 130 -0.60 7.30 -9.51
C ARG A 130 -1.96 7.90 -9.79
N LEU A 131 -2.01 9.20 -10.05
CA LEU A 131 -3.21 9.81 -10.57
CA LEU A 131 -3.22 9.80 -10.57
C LEU A 131 -3.37 9.44 -12.04
N ALA A 132 -4.61 9.19 -12.46
CA ALA A 132 -4.86 8.94 -13.87
C ALA A 132 -4.67 10.24 -14.65
N THR A 133 -4.22 10.11 -15.90
CA THR A 133 -4.01 11.23 -16.80
C THR A 133 -5.10 11.23 -17.86
N CYS A 134 -5.03 12.20 -18.76
CA CYS A 134 -6.11 12.41 -19.72
C CYS A 134 -5.81 11.83 -21.10
CA CA B . 1.08 -6.23 13.57
CA CA C . 4.95 1.10 14.85
C1 MMA D . 2.63 -11.80 13.92
C1 MMA D . 0.56 -12.04 13.65
C2 MMA D . 2.85 -10.61 13.00
C2 MMA D . 0.01 -10.75 14.24
C3 MMA D . 2.25 -9.41 13.63
C3 MMA D . 0.49 -9.56 13.51
C4 MMA D . 0.78 -9.59 13.85
C4 MMA D . 1.98 -9.54 13.34
C5 MMA D . 0.49 -10.84 14.68
C5 MMA D . 2.50 -10.83 12.69
C6 MMA D . -0.98 -11.12 14.71
C6 MMA D . 4.00 -10.81 12.64
C7 MMA D . 3.08 -12.39 16.17
C7 MMA D . 0.31 -13.56 11.94
O1 MMA D . 3.25 -11.49 15.09
O1 MMA D . 0.01 -12.27 12.43
O2 MMA D . 2.24 -10.82 11.71
O2 MMA D . 0.43 -10.68 15.62
O3 MMA D . 2.41 -8.26 12.78
O3 MMA D . 0.13 -8.41 14.29
O4 MMA D . 0.30 -8.41 14.51
O4 MMA D . 2.25 -8.37 12.54
O5 MMA D . 1.16 -12.03 14.12
O5 MMA D . 2.06 -12.00 13.49
O6 MMA D . -1.22 -12.29 15.44
O6 MMA D . 4.47 -12.08 12.25
H1 MMA D . 3.01 -12.62 13.56
H1 MMA D . 0.33 -12.77 14.25
H2 MMA D . 3.79 -10.51 12.83
H2 MMA D . -0.96 -10.77 14.20
H3 MMA D . 2.71 -9.26 14.47
H3 MMA D . 0.08 -9.56 12.64
H4 MMA D . 0.29 -9.68 13.02
H4 MMA D . 2.47 -9.46 14.17
H5 MMA D . 0.79 -10.68 15.59
H5 MMA D . 2.16 -10.89 11.79
H61 MMA D . -1.31 -11.24 13.80
H61 MMA D . 4.34 -10.60 13.52
H62 MMA D . -1.44 -10.37 15.12
H62 MMA D . 4.29 -10.14 12.00
H71 MMA D . 3.43 -12.00 16.98
H71 MMA D . 0.05 -13.62 11.00
H72 MMA D . 3.55 -13.22 15.99
H72 MMA D . -0.19 -14.23 12.45
H73 MMA D . 2.13 -12.58 16.29
H73 MMA D . 1.25 -13.73 12.03
HO2 MMA D . 2.64 -11.44 11.30
HO2 MMA D . 0.19 -11.39 16.03
HO3 MMA D . 3.03 -8.41 12.20
HO3 MMA D . -0.53 -8.59 14.79
HO4 MMA D . -0.50 -8.52 14.73
HO4 MMA D . 3.07 -8.36 12.32
HO6 MMA D . -2.04 -12.31 15.68
HO6 MMA D . 3.84 -12.65 12.34
#